data_7YQB
#
_entry.id   7YQB
#
_cell.length_a   62.444
_cell.length_b   94.777
_cell.length_c   109.010
_cell.angle_alpha   90.000
_cell.angle_beta   90.000
_cell.angle_gamma   90.000
#
_symmetry.space_group_name_H-M   'P 21 21 21'
#
loop_
_entity.id
_entity.type
_entity.pdbx_description
1 polymer VP1
2 water water
#
_entity_poly.entity_id   1
_entity_poly.type   'polypeptide(L)'
_entity_poly.pdbx_seq_one_letter_code
;SKTKPFTLPILTLGELSNSRFPAPIDMLYTDPNEAIVVQPQNGRCTLDGTLQGTTQLVPTQICSFRGTLISQTSRSADST
DSAPRVRNHPLHVQLKNLDGTPYDPTDEVPAVLGAIDFKGTVFGVASQRNTTGNSIGATRAHEVHIDTTNPRYTPKLGSV
LMYSESNDFDDGQPTRFTPIGMGADDWHQWELPEYSGHLTLNMNLAPAVAPAFPGERILFFRSVVPSAGGYGSGHIDCLI
PQEWVQHFYQEAAPSQSAVALIRYVNPDTGRNIFEAKLHREGFITVANSGNNPIVVPPNGYFRFEAWVNQFYTLTPM
;
_entity_poly.pdbx_strand_id   A,B
#
# COMPACT_ATOMS: atom_id res chain seq x y z
N LYS A 4 15.69 -19.34 -16.51
CA LYS A 4 14.44 -18.70 -16.13
C LYS A 4 14.39 -17.26 -16.66
N PRO A 5 13.41 -16.97 -17.51
CA PRO A 5 13.39 -15.67 -18.18
C PRO A 5 13.04 -14.53 -17.23
N PHE A 6 13.59 -13.36 -17.54
CA PHE A 6 13.33 -12.14 -16.78
C PHE A 6 12.09 -11.44 -17.33
N THR A 7 11.21 -11.00 -16.42
CA THR A 7 9.96 -10.35 -16.79
C THR A 7 9.72 -9.16 -15.89
N LEU A 8 8.91 -8.23 -16.39
CA LEU A 8 8.40 -7.08 -15.66
C LEU A 8 6.89 -7.19 -15.48
N PRO A 9 6.35 -6.69 -14.36
CA PRO A 9 4.89 -6.62 -14.23
C PRO A 9 4.30 -5.77 -15.35
N ILE A 10 3.05 -6.05 -15.69
CA ILE A 10 2.37 -5.34 -16.77
C ILE A 10 1.42 -4.27 -16.23
N LEU A 11 1.57 -3.88 -14.97
CA LEU A 11 0.72 -2.84 -14.41
C LEU A 11 1.04 -1.49 -15.04
N THR A 12 -0.01 -0.70 -15.28
CA THR A 12 0.17 0.63 -15.85
C THR A 12 0.62 1.61 -14.77
N LEU A 13 0.96 2.83 -15.21
CA LEU A 13 1.47 3.85 -14.29
C LEU A 13 0.51 4.08 -13.13
N GLY A 14 -0.78 4.21 -13.44
CA GLY A 14 -1.78 4.42 -12.40
C GLY A 14 -2.13 3.21 -11.57
N GLU A 15 -1.51 2.07 -11.87
CA GLU A 15 -1.71 0.84 -11.11
C GLU A 15 -0.48 0.47 -10.30
N LEU A 16 0.50 1.36 -10.19
CA LEU A 16 1.77 1.08 -9.53
C LEU A 16 1.88 1.87 -8.23
N SER A 17 2.69 1.35 -7.30
CA SER A 17 2.89 1.95 -5.99
C SER A 17 4.31 2.47 -5.87
N ASN A 18 4.47 3.60 -5.20
CA ASN A 18 5.81 4.11 -4.89
C ASN A 18 6.50 3.20 -3.90
N SER A 19 7.79 3.00 -4.10
CA SER A 19 8.57 2.15 -3.20
C SER A 19 9.28 2.94 -2.12
N ARG A 20 9.14 4.27 -2.08
CA ARG A 20 9.74 5.10 -1.06
C ARG A 20 8.72 5.83 -0.21
N PHE A 21 7.43 5.69 -0.52
CA PHE A 21 6.36 6.31 0.24
C PHE A 21 5.06 5.58 -0.10
N PRO A 22 4.13 5.48 0.85
CA PRO A 22 2.87 4.76 0.59
C PRO A 22 1.91 5.60 -0.25
N ALA A 23 2.13 5.57 -1.57
CA ALA A 23 1.40 6.43 -2.49
C ALA A 23 1.40 5.82 -3.88
N PRO A 24 0.38 6.06 -4.67
CA PRO A 24 0.40 5.65 -6.08
C PRO A 24 1.38 6.47 -6.88
N ILE A 25 1.83 5.90 -8.00
CA ILE A 25 2.67 6.62 -8.92
C ILE A 25 1.82 7.63 -9.69
N ASP A 26 2.32 8.85 -9.82
CA ASP A 26 1.61 9.91 -10.54
C ASP A 26 2.14 10.15 -11.95
N MET A 27 3.44 9.97 -12.17
CA MET A 27 4.03 10.28 -13.47
C MET A 27 5.45 9.72 -13.50
N LEU A 28 5.98 9.61 -14.72
CA LEU A 28 7.41 9.39 -14.91
C LEU A 28 8.12 10.74 -14.89
N TYR A 29 9.39 10.73 -14.50
CA TYR A 29 10.11 11.99 -14.34
C TYR A 29 11.60 11.79 -14.58
N THR A 30 12.18 12.74 -15.31
CA THR A 30 13.64 12.89 -15.37
C THR A 30 13.98 14.32 -15.02
N ASP A 31 15.21 14.53 -14.56
CA ASP A 31 15.64 15.87 -14.19
C ASP A 31 15.71 16.74 -15.44
N PRO A 32 15.00 17.87 -15.49
CA PRO A 32 15.00 18.68 -16.71
C PRO A 32 16.25 19.53 -16.89
N ASN A 33 17.18 19.52 -15.94
CA ASN A 33 18.40 20.32 -16.07
C ASN A 33 19.66 19.50 -16.23
N GLU A 34 19.92 18.56 -15.32
CA GLU A 34 21.19 17.86 -15.30
C GLU A 34 21.01 16.43 -14.83
N ALA A 35 22.04 15.62 -15.08
CA ALA A 35 22.14 14.31 -14.43
C ALA A 35 22.51 14.48 -12.96
N ILE A 36 21.97 13.59 -12.13
CA ILE A 36 22.17 13.65 -10.69
C ILE A 36 22.64 12.29 -10.20
N VAL A 37 23.03 12.24 -8.92
CA VAL A 37 23.40 11.01 -8.24
C VAL A 37 22.49 10.87 -7.02
N VAL A 38 21.92 9.68 -6.85
CA VAL A 38 20.96 9.42 -5.78
C VAL A 38 21.35 8.14 -5.05
N GLN A 39 20.96 8.05 -3.78
CA GLN A 39 21.25 6.87 -2.96
C GLN A 39 20.10 6.59 -2.00
N PRO A 40 18.88 6.40 -2.52
CA PRO A 40 17.76 6.04 -1.64
C PRO A 40 17.99 4.67 -1.01
N GLN A 41 17.33 4.45 0.13
CA GLN A 41 17.47 3.18 0.83
C GLN A 41 16.21 2.32 0.80
N ASN A 42 15.06 2.92 0.56
CA ASN A 42 13.85 2.17 0.25
C ASN A 42 13.71 2.05 -1.27
N GLY A 43 13.02 0.99 -1.70
CA GLY A 43 12.86 0.75 -3.12
C GLY A 43 14.12 0.28 -3.81
N ARG A 44 14.95 -0.49 -3.11
CA ARG A 44 16.22 -0.97 -3.63
C ARG A 44 16.14 -2.47 -3.79
N CYS A 45 16.14 -2.94 -5.04
CA CYS A 45 16.13 -4.37 -5.30
C CYS A 45 16.79 -4.62 -6.65
N THR A 46 17.78 -5.51 -6.66
CA THR A 46 18.43 -5.87 -7.91
C THR A 46 17.46 -6.65 -8.79
N LEU A 47 17.81 -6.76 -10.08
CA LEU A 47 16.94 -7.47 -11.01
C LEU A 47 16.82 -8.95 -10.68
N ASP A 48 17.78 -9.54 -9.98
CA ASP A 48 17.66 -10.93 -9.58
C ASP A 48 17.05 -11.10 -8.19
N GLY A 49 16.51 -10.02 -7.61
CA GLY A 49 15.69 -10.14 -6.42
C GLY A 49 16.40 -9.98 -5.10
N THR A 50 17.53 -9.29 -5.06
CA THR A 50 18.24 -9.04 -3.81
C THR A 50 17.78 -7.69 -3.26
N LEU A 51 17.09 -7.71 -2.12
CA LEU A 51 16.74 -6.47 -1.43
C LEU A 51 17.97 -5.83 -0.83
N GLN A 52 18.01 -4.50 -0.83
CA GLN A 52 19.13 -3.74 -0.30
C GLN A 52 18.62 -2.59 0.57
N GLY A 53 19.55 -1.91 1.24
CA GLY A 53 19.17 -0.77 2.05
C GLY A 53 18.21 -1.15 3.16
N THR A 54 17.18 -0.32 3.35
CA THR A 54 16.13 -0.58 4.32
C THR A 54 14.87 -1.14 3.66
N THR A 55 14.99 -1.75 2.48
CA THR A 55 13.83 -2.11 1.69
C THR A 55 13.16 -3.36 2.26
N GLN A 56 11.85 -3.28 2.47
CA GLN A 56 11.01 -4.41 2.82
C GLN A 56 9.87 -4.47 1.81
N LEU A 57 9.00 -5.47 1.94
CA LEU A 57 8.14 -5.85 0.84
C LEU A 57 6.72 -5.29 0.90
N VAL A 58 6.26 -4.80 2.05
CA VAL A 58 4.86 -4.41 2.22
C VAL A 58 4.71 -2.95 1.78
N PRO A 59 3.89 -2.67 0.75
CA PRO A 59 3.82 -1.30 0.22
C PRO A 59 3.20 -0.29 1.17
N THR A 60 2.34 -0.72 2.09
CA THR A 60 1.71 0.21 3.03
C THR A 60 2.57 0.49 4.26
N GLN A 61 3.70 -0.19 4.39
CA GLN A 61 4.56 -0.05 5.56
C GLN A 61 5.77 0.84 5.31
N ILE A 62 5.95 1.34 4.09
CA ILE A 62 7.09 2.18 3.77
C ILE A 62 6.95 3.49 4.53
N CYS A 63 8.05 3.89 5.20
CA CYS A 63 8.15 5.08 6.04
C CYS A 63 7.25 5.01 7.28
N SER A 64 6.78 3.81 7.63
CA SER A 64 6.08 3.54 8.89
C SER A 64 7.08 3.15 9.96
N PHE A 65 6.67 3.31 11.22
CA PHE A 65 7.43 2.83 12.36
C PHE A 65 6.52 2.07 13.33
N ARG A 66 7.10 1.09 14.00
CA ARG A 66 6.40 0.28 14.99
C ARG A 66 7.28 0.12 16.22
N GLY A 67 6.68 0.24 17.40
CA GLY A 67 7.43 0.07 18.62
C GLY A 67 6.65 0.35 19.88
N THR A 68 7.33 0.83 20.91
CA THR A 68 6.73 1.05 22.22
C THR A 68 7.07 2.46 22.68
N LEU A 69 6.07 3.18 23.16
CA LEU A 69 6.35 4.51 23.72
C LEU A 69 7.03 4.36 25.07
N ILE A 70 8.18 5.00 25.23
CA ILE A 70 8.92 4.90 26.49
C ILE A 70 8.55 6.05 27.42
N SER A 71 8.77 7.28 26.97
CA SER A 71 8.42 8.47 27.74
C SER A 71 8.54 9.74 26.88
N ASN A 88 4.17 21.03 21.43
CA ASN A 88 5.06 19.98 20.95
C ASN A 88 5.45 19.04 22.08
N HIS A 89 4.73 17.94 22.18
CA HIS A 89 5.01 16.95 23.22
C HIS A 89 5.87 15.85 22.64
N PRO A 90 7.02 15.56 23.25
CA PRO A 90 7.91 14.54 22.68
C PRO A 90 7.37 13.14 22.92
N LEU A 91 7.57 12.28 21.93
CA LEU A 91 7.17 10.88 22.00
C LEU A 91 8.38 10.04 21.60
N HIS A 92 9.07 9.48 22.60
CA HIS A 92 10.21 8.60 22.35
C HIS A 92 9.69 7.19 22.10
N VAL A 93 10.03 6.63 20.95
CA VAL A 93 9.52 5.32 20.53
C VAL A 93 10.69 4.37 20.41
N GLN A 94 10.66 3.30 21.20
CA GLN A 94 11.63 2.22 21.09
C GLN A 94 11.13 1.23 20.04
N LEU A 95 11.93 1.02 19.00
CA LEU A 95 11.44 0.43 17.76
C LEU A 95 11.49 -1.09 17.79
N LYS A 96 10.59 -1.69 17.00
CA LYS A 96 10.66 -3.08 16.58
C LYS A 96 10.50 -3.11 15.07
N ASN A 97 10.64 -4.30 14.48
CA ASN A 97 10.43 -4.42 13.05
C ASN A 97 8.96 -4.26 12.71
N LEU A 98 8.70 -3.81 11.48
CA LEU A 98 7.32 -3.57 11.07
C LEU A 98 6.50 -4.86 11.03
N ASP A 99 7.15 -6.00 10.77
CA ASP A 99 6.44 -7.27 10.78
C ASP A 99 6.24 -7.83 12.18
N GLY A 100 6.59 -7.07 13.22
CA GLY A 100 6.36 -7.47 14.59
C GLY A 100 7.54 -8.10 15.28
N THR A 101 8.53 -8.56 14.53
CA THR A 101 9.69 -9.19 15.16
C THR A 101 10.56 -8.12 15.84
N PRO A 102 11.34 -8.50 16.85
CA PRO A 102 12.24 -7.52 17.48
C PRO A 102 13.25 -6.98 16.48
N TYR A 103 13.66 -5.74 16.70
CA TYR A 103 14.66 -5.10 15.87
C TYR A 103 16.03 -5.29 16.49
N ASP A 104 16.96 -5.83 15.70
CA ASP A 104 18.33 -6.03 16.15
C ASP A 104 19.22 -4.96 15.53
N PRO A 105 19.76 -4.03 16.33
CA PRO A 105 20.63 -3.00 15.75
C PRO A 105 21.90 -3.54 15.10
N THR A 106 22.28 -4.79 15.37
CA THR A 106 23.47 -5.37 14.76
C THR A 106 23.22 -5.95 13.38
N ASP A 107 21.97 -5.95 12.90
CA ASP A 107 21.69 -6.38 11.54
C ASP A 107 22.48 -5.52 10.55
N GLU A 108 22.89 -6.13 9.44
CA GLU A 108 23.64 -5.40 8.42
C GLU A 108 22.69 -4.62 7.52
N VAL A 109 22.02 -3.66 8.14
CA VAL A 109 21.11 -2.75 7.44
C VAL A 109 21.43 -1.33 7.91
N PRO A 110 21.08 -0.32 7.10
CA PRO A 110 21.31 1.07 7.55
C PRO A 110 20.44 1.45 8.73
N ALA A 111 19.27 0.85 8.86
CA ALA A 111 18.31 1.12 9.92
C ALA A 111 17.19 0.09 9.79
N VAL A 112 16.25 0.13 10.74
CA VAL A 112 15.06 -0.71 10.68
C VAL A 112 14.45 -0.64 9.29
N LEU A 113 14.12 -1.80 8.72
CA LEU A 113 13.52 -1.85 7.40
C LEU A 113 12.27 -0.99 7.34
N GLY A 114 12.19 -0.15 6.29
CA GLY A 114 11.07 0.74 6.11
C GLY A 114 11.28 2.14 6.64
N ALA A 115 12.40 2.40 7.33
CA ALA A 115 12.61 3.71 7.92
C ALA A 115 12.66 4.80 6.84
N ILE A 116 12.30 6.03 7.25
CA ILE A 116 12.38 7.17 6.34
C ILE A 116 13.82 7.37 5.89
N ASP A 117 14.03 7.48 4.58
CA ASP A 117 15.37 7.46 4.01
C ASP A 117 15.78 8.82 3.44
N PHE A 118 15.21 9.91 3.96
CA PHE A 118 15.62 11.23 3.51
C PHE A 118 15.43 12.24 4.65
N LYS A 119 16.02 13.42 4.46
CA LYS A 119 15.94 14.50 5.43
C LYS A 119 14.66 15.29 5.22
N GLY A 120 13.86 15.42 6.26
CA GLY A 120 12.65 16.21 6.19
C GLY A 120 11.74 15.92 7.35
N THR A 121 10.70 16.74 7.46
CA THR A 121 9.66 16.56 8.47
C THR A 121 8.49 15.82 7.84
N VAL A 122 8.23 14.60 8.32
CA VAL A 122 7.16 13.77 7.81
C VAL A 122 6.05 13.76 8.84
N PHE A 123 4.86 14.17 8.42
CA PHE A 123 3.72 14.15 9.32
C PHE A 123 2.85 12.94 9.04
N GLY A 124 2.18 12.46 10.07
CA GLY A 124 1.32 11.30 9.95
C GLY A 124 0.49 11.16 11.21
N VAL A 125 0.11 9.92 11.55
CA VAL A 125 -0.70 9.65 12.73
C VAL A 125 0.01 8.59 13.56
N ALA A 126 0.14 8.85 14.86
CA ALA A 126 0.61 7.85 15.81
C ALA A 126 -0.59 7.27 16.55
N SER A 127 -0.65 5.95 16.62
CA SER A 127 -1.79 5.26 17.22
C SER A 127 -1.31 4.22 18.22
N GLN A 128 -2.18 3.91 19.18
CA GLN A 128 -1.87 2.91 20.21
C GLN A 128 -3.08 2.02 20.45
N ARG A 129 -2.79 0.77 20.81
CA ARG A 129 -3.79 -0.14 21.37
C ARG A 129 -3.13 -0.82 22.56
N ASN A 130 -3.64 -0.52 23.76
CA ASN A 130 -2.96 -0.94 24.99
C ASN A 130 -2.94 -2.45 25.14
N THR A 131 -1.80 -2.97 25.60
CA THR A 131 -1.64 -4.39 25.88
C THR A 131 -1.36 -4.71 27.34
N THR A 132 -0.95 -3.72 28.14
CA THR A 132 -0.72 -3.89 29.57
C THR A 132 -1.42 -2.77 30.33
N GLY A 133 -1.52 -2.96 31.64
CA GLY A 133 -2.08 -1.96 32.52
C GLY A 133 -3.56 -2.19 32.80
N ASN A 134 -4.18 -1.13 33.30
CA ASN A 134 -5.58 -1.16 33.75
C ASN A 134 -6.60 -0.99 32.62
N SER A 135 -6.14 -0.68 31.40
CA SER A 135 -7.02 -0.34 30.28
C SER A 135 -6.61 -1.10 29.03
N ILE A 136 -6.36 -2.40 29.19
CA ILE A 136 -5.95 -3.23 28.06
C ILE A 136 -7.02 -3.19 26.98
N GLY A 137 -6.60 -2.94 25.74
CA GLY A 137 -7.51 -2.82 24.62
C GLY A 137 -7.92 -1.40 24.29
N ALA A 138 -7.68 -0.44 25.19
CA ALA A 138 -8.04 0.94 24.91
C ALA A 138 -7.11 1.53 23.85
N THR A 139 -7.67 2.40 23.02
CA THR A 139 -6.97 2.92 21.86
C THR A 139 -6.99 4.44 21.85
N ARG A 140 -6.12 5.01 21.03
CA ARG A 140 -6.07 6.45 20.78
C ARG A 140 -5.15 6.69 19.59
N ALA A 141 -5.36 7.80 18.91
CA ALA A 141 -4.55 8.14 17.76
C ALA A 141 -4.60 9.65 17.54
N HIS A 142 -3.46 10.23 17.17
CA HIS A 142 -3.36 11.67 16.97
C HIS A 142 -2.29 11.95 15.93
N GLU A 143 -2.43 13.09 15.27
CA GLU A 143 -1.41 13.54 14.32
C GLU A 143 -0.08 13.78 15.03
N VAL A 144 0.99 13.31 14.41
CA VAL A 144 2.35 13.57 14.87
C VAL A 144 3.22 13.92 13.66
N HIS A 145 4.45 14.32 13.94
CA HIS A 145 5.44 14.50 12.89
C HIS A 145 6.78 14.00 13.38
N ILE A 146 7.61 13.58 12.42
CA ILE A 146 8.96 13.10 12.69
C ILE A 146 9.92 13.92 11.85
N ASP A 147 10.82 14.65 12.50
CA ASP A 147 11.89 15.37 11.83
C ASP A 147 13.09 14.44 11.74
N THR A 148 13.40 13.96 10.53
CA THR A 148 14.49 13.01 10.38
C THR A 148 15.88 13.65 10.48
N THR A 149 15.95 14.98 10.63
CA THR A 149 17.21 15.66 10.94
C THR A 149 17.39 15.86 12.44
N ASN A 150 16.38 15.51 13.23
CA ASN A 150 16.50 15.63 14.68
C ASN A 150 17.64 14.75 15.17
N PRO A 151 18.42 15.22 16.15
CA PRO A 151 19.47 14.35 16.72
C PRO A 151 18.92 13.06 17.30
N ARG A 152 17.62 13.00 17.58
CA ARG A 152 17.00 11.80 18.14
C ARG A 152 16.34 10.94 17.07
N TYR A 153 16.47 11.28 15.80
CA TYR A 153 16.13 10.35 14.72
C TYR A 153 17.26 9.35 14.60
N THR A 154 17.15 8.24 15.32
CA THR A 154 18.20 7.23 15.36
C THR A 154 17.63 5.83 15.13
N PRO A 155 16.97 5.61 13.98
CA PRO A 155 16.34 4.29 13.74
C PRO A 155 17.35 3.16 13.66
N LYS A 156 18.62 3.43 13.37
CA LYS A 156 19.61 2.37 13.40
C LYS A 156 19.89 1.91 14.83
N LEU A 157 19.98 2.86 15.76
CA LEU A 157 20.12 2.51 17.16
C LEU A 157 18.86 1.88 17.73
N GLY A 158 17.71 2.16 17.13
CA GLY A 158 16.45 1.57 17.52
C GLY A 158 15.45 2.50 18.18
N SER A 159 15.52 3.80 17.93
CA SER A 159 14.58 4.73 18.54
C SER A 159 14.42 5.96 17.64
N VAL A 160 13.22 6.53 17.64
CA VAL A 160 12.92 7.76 16.93
C VAL A 160 12.08 8.66 17.83
N LEU A 161 12.25 9.97 17.66
CA LEU A 161 11.51 10.97 18.43
C LEU A 161 10.44 11.59 17.55
N MET A 162 9.19 11.44 17.97
CA MET A 162 8.06 12.09 17.32
C MET A 162 7.58 13.25 18.18
N TYR A 163 6.87 14.18 17.55
CA TYR A 163 6.27 15.30 18.26
C TYR A 163 4.80 15.40 17.91
N SER A 164 3.98 15.72 18.90
N SER A 164 3.98 15.72 18.90
CA SER A 164 2.54 15.85 18.72
CA SER A 164 2.54 15.85 18.72
C SER A 164 2.03 17.06 19.50
C SER A 164 2.03 17.06 19.50
N GLU A 165 0.94 17.63 19.03
CA GLU A 165 0.25 18.66 19.80
C GLU A 165 -0.61 18.06 20.90
N SER A 166 -0.97 16.79 20.80
CA SER A 166 -1.71 16.12 21.87
C SER A 166 -0.75 15.42 22.82
N ASN A 167 -1.06 15.49 24.12
CA ASN A 167 -0.41 14.66 25.14
C ASN A 167 -1.07 13.31 25.32
N ASP A 168 -2.17 13.01 24.62
CA ASP A 168 -3.01 11.85 24.94
C ASP A 168 -2.38 10.59 24.33
N PHE A 169 -1.30 10.17 24.97
CA PHE A 169 -0.58 8.95 24.67
C PHE A 169 -0.14 8.28 25.97
N ASP A 170 -0.22 6.95 26.01
CA ASP A 170 0.14 6.16 27.19
C ASP A 170 1.53 5.56 26.99
N ASP A 171 2.42 5.76 27.97
CA ASP A 171 3.73 5.18 27.79
C ASP A 171 3.68 3.69 28.11
N GLY A 172 4.67 2.96 27.60
CA GLY A 172 4.72 1.53 27.81
C GLY A 172 3.87 0.72 26.86
N GLN A 173 3.13 1.36 25.94
CA GLN A 173 2.13 0.71 25.12
C GLN A 173 2.56 0.66 23.66
N PRO A 174 2.14 -0.38 22.93
CA PRO A 174 2.47 -0.46 21.49
C PRO A 174 2.04 0.80 20.76
N THR A 175 2.92 1.31 19.91
CA THR A 175 2.72 2.59 19.23
C THR A 175 3.11 2.44 17.77
N ARG A 176 2.25 2.93 16.87
CA ARG A 176 2.45 2.82 15.43
C ARG A 176 2.46 4.21 14.83
N PHE A 177 3.42 4.48 13.94
CA PHE A 177 3.45 5.70 13.16
C PHE A 177 3.08 5.36 11.72
N THR A 178 2.04 6.01 11.21
CA THR A 178 1.64 5.85 9.81
C THR A 178 1.87 7.17 9.08
N PRO A 179 2.72 7.23 8.06
CA PRO A 179 3.02 8.50 7.40
C PRO A 179 1.92 8.93 6.45
N ILE A 180 1.77 10.25 6.32
CA ILE A 180 0.78 10.85 5.42
C ILE A 180 1.44 11.76 4.39
N GLY A 181 2.36 12.62 4.83
CA GLY A 181 3.02 13.52 3.91
C GLY A 181 3.95 14.54 4.55
N MET A 182 4.02 15.74 3.98
CA MET A 182 4.97 16.76 4.43
C MET A 182 4.47 17.42 5.71
N GLY A 183 5.28 17.38 6.76
CA GLY A 183 5.01 18.14 7.97
C GLY A 183 5.54 19.55 7.94
N ALA A 184 6.41 19.85 6.98
CA ALA A 184 6.97 21.18 6.77
C ALA A 184 7.54 21.22 5.37
N ASP A 185 7.81 22.43 4.88
CA ASP A 185 8.41 22.61 3.57
C ASP A 185 9.94 22.55 3.69
N ASP A 186 10.43 21.35 4.10
CA ASP A 186 11.85 21.17 4.36
C ASP A 186 12.40 19.85 3.81
N TRP A 187 11.81 19.31 2.75
CA TRP A 187 12.22 18.01 2.27
C TRP A 187 13.45 18.09 1.37
N HIS A 188 14.38 17.15 1.55
CA HIS A 188 15.50 16.92 0.64
C HIS A 188 15.54 15.42 0.40
N GLN A 189 14.84 14.97 -0.63
CA GLN A 189 14.55 13.54 -0.77
C GLN A 189 15.79 12.72 -1.09
N TRP A 190 16.88 13.34 -1.53
CA TRP A 190 18.10 12.61 -1.85
C TRP A 190 19.19 12.76 -0.79
N GLU A 191 18.94 13.50 0.28
CA GLU A 191 19.89 13.63 1.37
C GLU A 191 19.55 12.62 2.45
N LEU A 192 20.42 11.62 2.61
CA LEU A 192 20.17 10.58 3.60
C LEU A 192 20.23 11.17 5.01
N PRO A 193 19.36 10.73 5.91
CA PRO A 193 19.49 11.12 7.32
C PRO A 193 20.69 10.43 7.94
N GLU A 194 21.02 10.85 9.16
CA GLU A 194 22.05 10.19 9.96
C GLU A 194 21.34 9.15 10.81
N TYR A 195 21.32 7.90 10.33
CA TYR A 195 20.51 6.85 10.94
C TYR A 195 20.92 6.57 12.39
N SER A 196 22.15 6.85 12.77
CA SER A 196 22.61 6.66 14.14
C SER A 196 22.84 7.96 14.89
N GLY A 197 22.32 9.08 14.36
CA GLY A 197 22.56 10.39 14.95
C GLY A 197 23.79 11.06 14.38
N HIS A 198 24.12 12.24 14.94
CA HIS A 198 25.28 12.98 14.46
C HIS A 198 26.59 12.20 14.58
N LEU A 199 26.62 11.23 15.48
CA LEU A 199 27.62 10.19 15.66
C LEU A 199 27.50 9.08 14.58
N THR A 200 28.59 8.34 14.38
CA THR A 200 28.42 7.00 13.80
C THR A 200 27.81 6.98 12.39
N LEU A 201 28.58 7.50 11.43
CA LEU A 201 28.17 7.64 10.02
C LEU A 201 27.57 6.35 9.49
N ASN A 202 26.68 6.50 8.51
CA ASN A 202 25.82 5.42 8.03
C ASN A 202 26.62 4.25 7.49
N MET A 203 26.05 3.05 7.65
CA MET A 203 26.65 1.80 7.20
C MET A 203 25.64 0.93 6.48
N ASN A 204 26.16 -0.06 5.74
CA ASN A 204 25.36 -1.05 5.02
C ASN A 204 24.41 -0.42 3.99
N LEU A 205 24.79 0.72 3.44
CA LEU A 205 23.93 1.44 2.53
C LEU A 205 23.85 0.73 1.18
N ALA A 206 22.66 0.76 0.58
CA ALA A 206 22.53 0.43 -0.83
C ALA A 206 23.32 1.46 -1.64
N PRO A 207 23.97 1.04 -2.74
CA PRO A 207 24.94 1.94 -3.39
C PRO A 207 24.27 3.12 -4.08
N ALA A 208 25.05 4.19 -4.22
CA ALA A 208 24.61 5.31 -5.03
C ALA A 208 24.52 4.89 -6.49
N VAL A 209 23.59 5.49 -7.23
CA VAL A 209 23.41 5.19 -8.63
C VAL A 209 23.40 6.49 -9.42
N ALA A 210 23.84 6.40 -10.67
CA ALA A 210 23.93 7.56 -11.55
C ALA A 210 24.04 7.06 -12.98
N PRO A 211 23.69 7.88 -13.97
CA PRO A 211 23.93 7.48 -15.35
C PRO A 211 25.42 7.34 -15.60
N ALA A 212 25.78 6.35 -16.42
CA ALA A 212 27.18 6.07 -16.69
C ALA A 212 27.73 6.85 -17.87
N PHE A 213 26.86 7.47 -18.66
CA PHE A 213 27.28 8.21 -19.85
C PHE A 213 26.60 9.57 -19.89
N PRO A 214 27.28 10.59 -20.39
CA PRO A 214 26.61 11.86 -20.66
C PRO A 214 25.50 11.66 -21.67
N GLY A 215 24.43 12.45 -21.52
CA GLY A 215 23.27 12.31 -22.35
C GLY A 215 22.24 11.33 -21.82
N GLU A 216 22.57 10.57 -20.77
CA GLU A 216 21.60 9.70 -20.11
C GLU A 216 21.18 10.32 -18.79
N ARG A 217 19.94 10.03 -18.40
CA ARG A 217 19.36 10.48 -17.14
C ARG A 217 18.67 9.31 -16.48
N ILE A 218 18.61 9.33 -15.14
CA ILE A 218 17.83 8.34 -14.42
C ILE A 218 16.35 8.65 -14.65
N LEU A 219 15.57 7.62 -14.98
CA LEU A 219 14.12 7.74 -15.09
C LEU A 219 13.49 7.36 -13.76
N PHE A 220 12.69 8.26 -13.20
CA PHE A 220 12.07 8.06 -11.89
C PHE A 220 10.58 7.81 -12.03
N PHE A 221 10.05 7.05 -11.08
CA PHE A 221 8.60 6.93 -10.87
C PHE A 221 8.24 7.90 -9.75
N ARG A 222 7.47 8.94 -10.10
CA ARG A 222 7.27 10.09 -9.22
C ARG A 222 5.89 10.05 -8.58
N SER A 223 5.85 10.28 -7.27
CA SER A 223 4.61 10.48 -6.52
C SER A 223 4.55 11.91 -6.02
N VAL A 224 3.34 12.45 -5.99
CA VAL A 224 3.07 13.77 -5.43
C VAL A 224 2.21 13.54 -4.19
N VAL A 225 2.79 13.77 -3.02
CA VAL A 225 2.18 13.36 -1.75
C VAL A 225 1.59 14.56 -1.02
N PRO A 226 0.71 14.35 -0.04
CA PRO A 226 0.09 15.48 0.66
C PRO A 226 1.08 16.28 1.49
N SER A 227 0.62 17.47 1.91
CA SER A 227 1.39 18.37 2.75
C SER A 227 0.45 19.05 3.74
N ALA A 228 0.91 19.19 4.98
CA ALA A 228 0.09 19.72 6.07
C ALA A 228 0.31 21.21 6.30
N GLY A 229 0.68 21.94 5.25
CA GLY A 229 0.92 23.37 5.36
C GLY A 229 2.11 23.74 4.49
N GLY A 230 2.09 24.98 4.01
CA GLY A 230 3.16 25.46 3.16
C GLY A 230 2.91 25.14 1.70
N TYR A 231 3.96 25.37 0.90
CA TYR A 231 3.88 25.23 -0.55
C TYR A 231 4.75 24.09 -1.09
N GLY A 232 5.21 23.20 -0.20
CA GLY A 232 6.04 22.07 -0.58
C GLY A 232 5.48 21.25 -1.72
N SER A 233 6.36 20.82 -2.64
CA SER A 233 5.90 20.16 -3.85
C SER A 233 5.41 18.74 -3.58
N GLY A 234 5.94 18.09 -2.54
CA GLY A 234 5.50 16.75 -2.22
C GLY A 234 6.08 15.67 -3.09
N HIS A 235 7.20 15.95 -3.77
CA HIS A 235 7.80 14.98 -4.68
C HIS A 235 8.50 13.88 -3.91
N ILE A 236 8.15 12.63 -4.22
CA ILE A 236 8.94 11.47 -3.82
C ILE A 236 9.18 10.63 -5.07
N ASP A 237 10.45 10.49 -5.46
CA ASP A 237 10.83 9.75 -6.65
C ASP A 237 11.46 8.42 -6.23
N CYS A 238 11.07 7.33 -6.89
CA CYS A 238 11.65 6.03 -6.61
C CYS A 238 12.24 5.42 -7.88
N LEU A 239 13.21 4.52 -7.68
CA LEU A 239 13.94 3.94 -8.80
C LEU A 239 13.09 2.90 -9.53
N ILE A 240 12.39 2.06 -8.78
CA ILE A 240 11.40 1.13 -9.33
C ILE A 240 10.22 1.07 -8.39
N PRO A 241 9.03 0.79 -8.94
CA PRO A 241 7.84 0.73 -8.07
C PRO A 241 7.89 -0.46 -7.14
N GLN A 242 7.07 -0.40 -6.09
CA GLN A 242 7.07 -1.47 -5.10
C GLN A 242 6.64 -2.80 -5.69
N GLU A 243 5.79 -2.77 -6.73
CA GLU A 243 5.39 -4.02 -7.37
C GLU A 243 6.56 -4.67 -8.10
N TRP A 244 7.48 -3.87 -8.64
CA TRP A 244 8.67 -4.45 -9.25
C TRP A 244 9.59 -5.06 -8.19
N VAL A 245 9.69 -4.40 -7.03
CA VAL A 245 10.45 -4.95 -5.92
C VAL A 245 9.91 -6.32 -5.53
N GLN A 246 8.59 -6.40 -5.31
CA GLN A 246 7.97 -7.67 -4.99
C GLN A 246 8.16 -8.70 -6.10
N HIS A 247 8.11 -8.25 -7.36
CA HIS A 247 8.19 -9.19 -8.47
C HIS A 247 9.59 -9.77 -8.61
N PHE A 248 10.62 -8.90 -8.61
CA PHE A 248 11.99 -9.40 -8.71
C PHE A 248 12.34 -10.29 -7.52
N TYR A 249 11.85 -9.94 -6.33
CA TYR A 249 12.14 -10.73 -5.14
C TYR A 249 11.64 -12.15 -5.28
N GLN A 250 10.44 -12.33 -5.84
CA GLN A 250 9.86 -13.65 -5.97
C GLN A 250 10.40 -14.41 -7.17
N GLU A 251 10.56 -13.73 -8.31
CA GLU A 251 11.03 -14.42 -9.51
C GLU A 251 12.48 -14.83 -9.39
N ALA A 252 13.33 -13.95 -8.85
CA ALA A 252 14.77 -14.21 -8.68
C ALA A 252 15.38 -14.74 -9.98
N ALA A 253 15.03 -14.10 -11.09
CA ALA A 253 15.56 -14.51 -12.38
C ALA A 253 17.00 -14.04 -12.53
N PRO A 254 17.92 -14.92 -12.93
CA PRO A 254 19.32 -14.50 -13.03
C PRO A 254 19.50 -13.42 -14.09
N SER A 255 20.34 -12.44 -13.76
CA SER A 255 20.63 -11.34 -14.68
C SER A 255 21.69 -11.80 -15.68
N GLN A 256 21.31 -11.85 -16.96
CA GLN A 256 22.20 -12.38 -17.99
C GLN A 256 23.21 -11.34 -18.45
N SER A 257 23.03 -10.07 -18.09
CA SER A 257 24.01 -9.02 -18.34
C SER A 257 23.78 -7.91 -17.34
N ALA A 258 24.58 -6.85 -17.45
CA ALA A 258 24.45 -5.74 -16.52
C ALA A 258 23.33 -4.79 -16.91
N VAL A 259 22.79 -4.90 -18.13
CA VAL A 259 21.81 -3.94 -18.64
C VAL A 259 20.73 -4.72 -19.39
N ALA A 260 19.48 -4.59 -18.95
CA ALA A 260 18.34 -5.11 -19.67
C ALA A 260 17.69 -3.99 -20.46
N LEU A 261 17.47 -4.21 -21.75
CA LEU A 261 16.75 -3.23 -22.55
C LEU A 261 15.26 -3.42 -22.37
N ILE A 262 14.57 -2.35 -22.00
CA ILE A 262 13.12 -2.37 -21.83
C ILE A 262 12.50 -1.31 -22.70
N ARG A 263 11.25 -1.52 -23.10
CA ARG A 263 10.50 -0.56 -23.90
C ARG A 263 9.17 -0.28 -23.22
N TYR A 264 8.80 1.01 -23.18
CA TYR A 264 7.45 1.38 -22.75
C TYR A 264 6.54 1.25 -23.95
N VAL A 265 5.58 0.33 -23.88
CA VAL A 265 4.81 -0.07 -25.04
C VAL A 265 3.34 0.28 -24.83
N ASN A 266 2.65 0.49 -25.94
CA ASN A 266 1.19 0.58 -25.94
C ASN A 266 0.67 -0.80 -26.29
N PRO A 267 0.02 -1.51 -25.35
CA PRO A 267 -0.44 -2.86 -25.67
C PRO A 267 -1.49 -2.91 -26.76
N ASP A 268 -2.25 -1.83 -26.95
CA ASP A 268 -3.24 -1.81 -28.04
C ASP A 268 -2.55 -1.94 -29.39
N THR A 269 -1.64 -1.01 -29.68
CA THR A 269 -0.99 -0.88 -30.99
C THR A 269 0.34 -1.61 -31.10
N GLY A 270 0.88 -2.12 -30.00
CA GLY A 270 2.22 -2.70 -30.04
C GLY A 270 3.33 -1.72 -30.31
N ARG A 271 3.06 -0.42 -30.21
CA ARG A 271 4.07 0.59 -30.53
C ARG A 271 5.00 0.85 -29.34
N ASN A 272 6.30 0.93 -29.65
CA ASN A 272 7.32 1.27 -28.66
C ASN A 272 7.33 2.79 -28.49
N ILE A 273 6.91 3.26 -27.31
CA ILE A 273 6.85 4.70 -27.06
C ILE A 273 8.24 5.25 -26.84
N PHE A 274 9.01 4.61 -25.97
CA PHE A 274 10.43 4.92 -25.79
C PHE A 274 11.10 3.70 -25.21
N GLU A 275 12.42 3.69 -25.27
CA GLU A 275 13.22 2.60 -24.74
C GLU A 275 14.10 3.12 -23.60
N ALA A 276 14.59 2.19 -22.78
CA ALA A 276 15.34 2.56 -21.59
C ALA A 276 16.26 1.42 -21.20
N LYS A 277 17.29 1.76 -20.44
CA LYS A 277 18.21 0.79 -19.86
C LYS A 277 17.74 0.48 -18.44
N LEU A 278 17.44 -0.79 -18.18
CA LEU A 278 17.15 -1.26 -16.82
C LEU A 278 18.41 -1.95 -16.29
N HIS A 279 19.11 -1.28 -15.39
CA HIS A 279 20.39 -1.78 -14.92
C HIS A 279 20.18 -2.87 -13.87
N ARG A 280 21.15 -3.79 -13.81
CA ARG A 280 21.06 -4.93 -12.89
C ARG A 280 20.89 -4.48 -11.45
N GLU A 281 21.47 -3.32 -11.10
CA GLU A 281 21.34 -2.79 -9.75
C GLU A 281 19.91 -2.43 -9.40
N GLY A 282 19.04 -2.27 -10.39
CA GLY A 282 17.65 -1.96 -10.12
C GLY A 282 17.24 -0.51 -10.28
N PHE A 283 17.74 0.12 -11.34
CA PHE A 283 17.28 1.45 -11.69
C PHE A 283 17.32 1.60 -13.21
N ILE A 284 16.68 2.67 -13.70
CA ILE A 284 16.43 2.88 -15.12
C ILE A 284 17.12 4.16 -15.56
N THR A 285 17.76 4.13 -16.73
CA THR A 285 18.23 5.33 -17.39
C THR A 285 17.63 5.42 -18.79
N VAL A 286 17.43 6.67 -19.24
CA VAL A 286 16.94 6.96 -20.58
C VAL A 286 17.89 7.94 -21.23
N ALA A 287 17.82 8.03 -22.56
CA ALA A 287 18.58 9.02 -23.30
C ALA A 287 17.89 10.37 -23.16
N ASN A 288 18.61 11.34 -22.61
CA ASN A 288 18.07 12.68 -22.42
C ASN A 288 17.59 13.25 -23.75
N SER A 289 16.36 13.74 -23.76
CA SER A 289 15.84 14.47 -24.91
C SER A 289 15.46 15.89 -24.54
N GLY A 290 16.14 16.48 -23.53
CA GLY A 290 15.91 17.90 -23.33
C GLY A 290 14.70 18.23 -22.49
N ASN A 291 13.69 18.62 -23.27
CA ASN A 291 12.43 19.32 -23.10
C ASN A 291 11.39 18.34 -22.56
N ASN A 292 10.13 18.70 -22.62
CA ASN A 292 8.87 18.81 -21.90
C ASN A 292 8.53 17.53 -21.15
N PRO A 293 7.74 17.59 -20.08
CA PRO A 293 7.50 16.38 -19.29
C PRO A 293 6.89 15.31 -20.16
N ILE A 294 6.84 14.12 -19.61
CA ILE A 294 6.80 12.89 -20.39
C ILE A 294 5.35 12.52 -20.70
N VAL A 295 5.06 12.34 -21.99
CA VAL A 295 3.72 12.02 -22.46
C VAL A 295 3.68 10.52 -22.77
N VAL A 296 2.87 9.79 -22.01
CA VAL A 296 2.74 8.34 -22.20
C VAL A 296 1.28 7.97 -22.11
N PRO A 297 0.87 6.92 -22.84
CA PRO A 297 -0.54 6.53 -22.84
C PRO A 297 -0.92 5.89 -21.53
N PRO A 298 -2.15 6.11 -21.04
CA PRO A 298 -2.55 5.54 -19.75
C PRO A 298 -2.47 4.03 -19.69
N ASN A 299 -2.64 3.33 -20.80
CA ASN A 299 -2.62 1.88 -20.82
C ASN A 299 -1.23 1.29 -21.02
N GLY A 300 -0.20 2.12 -21.15
CA GLY A 300 1.13 1.62 -21.43
C GLY A 300 1.82 1.05 -20.21
N TYR A 301 2.84 0.23 -20.48
CA TYR A 301 3.69 -0.32 -19.42
C TYR A 301 5.03 -0.74 -20.02
N PHE A 302 6.02 -0.87 -19.14
CA PHE A 302 7.32 -1.38 -19.55
C PHE A 302 7.27 -2.88 -19.76
N ARG A 303 7.98 -3.35 -20.80
CA ARG A 303 8.18 -4.77 -20.99
C ARG A 303 9.64 -5.04 -21.33
N PHE A 304 10.13 -6.20 -20.90
CA PHE A 304 11.50 -6.59 -21.18
C PHE A 304 11.65 -6.93 -22.65
N GLU A 305 12.70 -6.40 -23.28
CA GLU A 305 12.94 -6.64 -24.70
C GLU A 305 14.10 -7.58 -24.96
N ALA A 306 15.26 -7.32 -24.37
CA ALA A 306 16.43 -8.19 -24.54
C ALA A 306 17.51 -7.76 -23.57
N TRP A 307 18.45 -8.66 -23.32
CA TRP A 307 19.65 -8.31 -22.58
C TRP A 307 20.64 -7.61 -23.50
N VAL A 308 21.15 -6.47 -23.05
CA VAL A 308 22.06 -5.61 -23.79
C VAL A 308 23.25 -5.31 -22.88
N ASN A 309 24.16 -4.46 -23.36
CA ASN A 309 25.30 -4.08 -22.54
C ASN A 309 25.37 -2.55 -22.47
N GLN A 310 26.40 -2.07 -21.78
CA GLN A 310 26.54 -0.64 -21.52
C GLN A 310 26.69 0.19 -22.79
N PHE A 311 27.10 -0.43 -23.89
CA PHE A 311 27.36 0.30 -25.12
C PHE A 311 26.12 0.47 -25.99
N TYR A 312 24.97 -0.05 -25.56
CA TYR A 312 23.74 0.17 -26.31
C TYR A 312 23.40 1.64 -26.32
N THR A 313 23.11 2.18 -27.50
CA THR A 313 22.76 3.59 -27.67
C THR A 313 21.24 3.74 -27.66
N LEU A 314 20.71 4.31 -26.59
CA LEU A 314 19.27 4.52 -26.49
C LEU A 314 18.81 5.64 -27.42
N THR A 315 17.67 5.41 -28.05
CA THR A 315 17.02 6.47 -28.82
C THR A 315 16.59 7.59 -27.86
N PRO A 316 16.83 8.85 -28.20
CA PRO A 316 16.33 9.95 -27.37
C PRO A 316 14.84 9.77 -27.05
N MET A 317 14.54 9.79 -25.75
CA MET A 317 13.23 9.40 -25.24
C MET A 317 12.09 10.24 -25.82
N LYS B 4 -1.24 -21.84 -19.84
CA LYS B 4 -0.53 -21.08 -18.82
C LYS B 4 -0.90 -21.57 -17.42
N PRO B 5 0.09 -22.14 -16.72
CA PRO B 5 -0.19 -22.71 -15.39
C PRO B 5 -0.62 -21.64 -14.40
N PHE B 6 -1.58 -21.99 -13.56
CA PHE B 6 -2.02 -21.12 -12.50
C PHE B 6 -1.04 -21.18 -11.33
N THR B 7 -0.69 -20.03 -10.78
CA THR B 7 0.29 -19.95 -9.70
C THR B 7 -0.17 -18.93 -8.67
N LEU B 8 0.34 -19.10 -7.44
CA LEU B 8 0.15 -18.17 -6.34
C LEU B 8 1.45 -17.45 -6.04
N PRO B 9 1.39 -16.20 -5.57
CA PRO B 9 2.60 -15.53 -5.09
C PRO B 9 3.24 -16.32 -3.97
N ILE B 10 4.56 -16.19 -3.84
CA ILE B 10 5.31 -16.93 -2.84
C ILE B 10 5.67 -16.06 -1.65
N LEU B 11 4.94 -14.96 -1.44
CA LEU B 11 5.16 -14.09 -0.30
C LEU B 11 4.57 -14.71 0.96
N THR B 12 5.30 -14.59 2.07
CA THR B 12 4.87 -15.13 3.34
C THR B 12 3.80 -14.23 3.96
N LEU B 13 3.25 -14.69 5.08
CA LEU B 13 2.14 -13.98 5.72
C LEU B 13 2.54 -12.54 6.07
N GLY B 14 3.73 -12.36 6.63
CA GLY B 14 4.22 -11.03 6.97
C GLY B 14 4.64 -10.18 5.80
N GLU B 15 4.57 -10.70 4.58
CA GLU B 15 4.92 -9.96 3.37
C GLU B 15 3.72 -9.62 2.50
N LEU B 16 2.51 -9.86 3.01
CA LEU B 16 1.27 -9.68 2.25
C LEU B 16 0.49 -8.48 2.75
N SER B 17 -0.36 -7.96 1.87
CA SER B 17 -1.13 -6.76 2.13
C SER B 17 -2.62 -7.07 2.14
N ASN B 18 -3.36 -6.41 3.03
CA ASN B 18 -4.81 -6.55 3.05
C ASN B 18 -5.42 -5.90 1.82
N SER B 19 -6.42 -6.55 1.23
CA SER B 19 -7.07 -6.02 0.05
C SER B 19 -8.32 -5.22 0.36
N ARG B 20 -8.66 -5.05 1.64
CA ARG B 20 -9.82 -4.27 2.04
C ARG B 20 -9.47 -3.08 2.91
N PHE B 21 -8.19 -2.90 3.24
CA PHE B 21 -7.70 -1.80 4.05
C PHE B 21 -6.19 -1.71 3.90
N PRO B 22 -5.61 -0.51 3.90
CA PRO B 22 -4.15 -0.37 3.68
C PRO B 22 -3.36 -0.77 4.92
N ALA B 23 -3.16 -2.08 5.06
CA ALA B 23 -2.53 -2.63 6.25
C ALA B 23 -1.87 -3.96 5.90
N PRO B 24 -0.83 -4.36 6.63
CA PRO B 24 -0.26 -5.70 6.45
C PRO B 24 -1.17 -6.75 7.04
N ILE B 25 -1.02 -7.98 6.54
CA ILE B 25 -1.75 -9.11 7.09
C ILE B 25 -1.09 -9.53 8.41
N ASP B 26 -1.91 -9.74 9.44
CA ASP B 26 -1.41 -10.15 10.74
C ASP B 26 -1.53 -11.64 10.99
N MET B 27 -2.56 -12.29 10.46
CA MET B 27 -2.78 -13.71 10.73
C MET B 27 -3.83 -14.24 9.76
N LEU B 28 -3.86 -15.57 9.65
CA LEU B 28 -5.00 -16.27 9.06
C LEU B 28 -6.09 -16.44 10.11
N TYR B 29 -7.34 -16.52 9.65
CA TYR B 29 -8.45 -16.50 10.57
C TYR B 29 -9.65 -17.25 9.98
N THR B 30 -10.31 -18.05 10.83
CA THR B 30 -11.63 -18.57 10.52
C THR B 30 -12.56 -18.25 11.69
N ASP B 31 -13.84 -18.13 11.38
CA ASP B 31 -14.85 -17.82 12.40
C ASP B 31 -14.89 -18.95 13.42
N PRO B 32 -14.68 -18.68 14.71
CA PRO B 32 -14.72 -19.75 15.71
C PRO B 32 -16.11 -20.14 16.16
N ASN B 33 -17.16 -19.40 15.81
CA ASN B 33 -18.50 -19.80 16.21
C ASN B 33 -19.20 -20.65 15.15
N GLU B 34 -19.36 -20.10 13.95
CA GLU B 34 -20.17 -20.72 12.90
C GLU B 34 -19.61 -20.36 11.53
N ALA B 35 -20.16 -20.98 10.50
CA ALA B 35 -19.94 -20.53 9.13
C ALA B 35 -20.78 -19.30 8.85
N ILE B 36 -20.25 -18.41 8.02
CA ILE B 36 -20.91 -17.15 7.70
C ILE B 36 -20.99 -16.97 6.19
N VAL B 37 -21.70 -15.92 5.78
CA VAL B 37 -21.77 -15.50 4.38
C VAL B 37 -21.34 -14.05 4.33
N VAL B 38 -20.45 -13.73 3.39
CA VAL B 38 -19.86 -12.39 3.29
C VAL B 38 -19.97 -11.91 1.85
N GLN B 39 -19.97 -10.58 1.70
CA GLN B 39 -20.04 -10.00 0.36
C GLN B 39 -19.18 -8.73 0.26
N PRO B 40 -17.89 -8.79 0.60
CA PRO B 40 -17.05 -7.59 0.45
C PRO B 40 -16.91 -7.19 -1.02
N GLN B 41 -16.63 -5.90 -1.22
CA GLN B 41 -16.51 -5.38 -2.58
C GLN B 41 -15.09 -4.99 -2.95
N ASN B 42 -14.23 -4.76 -1.98
CA ASN B 42 -12.80 -4.66 -2.23
C ASN B 42 -12.15 -6.04 -2.07
N GLY B 43 -11.02 -6.22 -2.73
CA GLY B 43 -10.34 -7.51 -2.69
C GLY B 43 -11.09 -8.61 -3.41
N ARG B 44 -11.76 -8.29 -4.50
CA ARG B 44 -12.55 -9.25 -5.28
C ARG B 44 -11.89 -9.44 -6.63
N CYS B 45 -11.32 -10.63 -6.85
CA CYS B 45 -10.70 -10.96 -8.13
C CYS B 45 -10.81 -12.46 -8.35
N THR B 46 -11.34 -12.86 -9.50
CA THR B 46 -11.40 -14.27 -9.84
C THR B 46 -10.01 -14.82 -10.09
N LEU B 47 -9.90 -16.14 -10.07
CA LEU B 47 -8.61 -16.79 -10.24
C LEU B 47 -8.04 -16.55 -11.64
N ASP B 48 -8.89 -16.28 -12.63
CA ASP B 48 -8.40 -15.99 -13.97
C ASP B 48 -8.27 -14.49 -14.24
N GLY B 49 -8.36 -13.67 -13.20
CA GLY B 49 -7.94 -12.28 -13.29
C GLY B 49 -9.02 -11.24 -13.52
N THR B 50 -10.29 -11.54 -13.22
CA THR B 50 -11.36 -10.59 -13.43
C THR B 50 -11.62 -9.84 -12.12
N LEU B 51 -11.40 -8.54 -12.13
CA LEU B 51 -11.71 -7.73 -10.96
C LEU B 51 -13.23 -7.57 -10.83
N GLN B 52 -13.69 -7.46 -9.58
CA GLN B 52 -15.13 -7.35 -9.32
C GLN B 52 -15.35 -6.28 -8.25
N GLY B 53 -16.63 -5.92 -8.09
CA GLY B 53 -16.99 -4.98 -7.04
C GLY B 53 -16.35 -3.63 -7.27
N THR B 54 -15.75 -3.08 -6.20
CA THR B 54 -15.01 -1.82 -6.27
C THR B 54 -13.50 -2.03 -6.26
N THR B 55 -13.06 -3.25 -6.59
CA THR B 55 -11.65 -3.59 -6.45
C THR B 55 -10.80 -2.86 -7.49
N GLN B 56 -9.77 -2.16 -7.02
CA GLN B 56 -8.73 -1.60 -7.86
C GLN B 56 -7.39 -2.14 -7.39
N LEU B 57 -6.31 -1.75 -8.07
CA LEU B 57 -5.06 -2.50 -7.98
C LEU B 57 -4.03 -1.93 -7.01
N VAL B 58 -4.17 -0.68 -6.56
CA VAL B 58 -3.13 -0.01 -5.78
C VAL B 58 -3.39 -0.28 -4.31
N PRO B 59 -2.45 -0.93 -3.60
CA PRO B 59 -2.70 -1.28 -2.19
C PRO B 59 -2.83 -0.09 -1.26
N THR B 60 -2.17 1.04 -1.56
CA THR B 60 -2.24 2.21 -0.70
C THR B 60 -3.46 3.09 -0.98
N GLN B 61 -4.32 2.69 -1.91
CA GLN B 61 -5.50 3.47 -2.26
C GLN B 61 -6.80 2.84 -1.79
N ILE B 62 -6.74 1.67 -1.16
CA ILE B 62 -7.93 1.01 -0.66
C ILE B 62 -8.54 1.86 0.44
N CYS B 63 -9.83 2.17 0.29
CA CYS B 63 -10.64 2.98 1.21
C CYS B 63 -10.24 4.46 1.19
N SER B 64 -9.46 4.89 0.19
CA SER B 64 -9.18 6.30 -0.05
C SER B 64 -10.24 6.91 -0.96
N PHE B 65 -10.37 8.24 -0.88
CA PHE B 65 -11.21 9.01 -1.79
C PHE B 65 -10.43 10.19 -2.33
N ARG B 66 -10.83 10.63 -3.53
CA ARG B 66 -10.17 11.74 -4.21
C ARG B 66 -11.25 12.56 -4.89
N GLY B 67 -11.15 13.89 -4.76
CA GLY B 67 -12.14 14.73 -5.40
C GLY B 67 -11.99 16.22 -5.14
N THR B 68 -13.10 16.94 -5.13
CA THR B 68 -13.14 18.38 -4.98
C THR B 68 -14.05 18.74 -3.81
N LEU B 69 -13.55 19.60 -2.92
CA LEU B 69 -14.35 20.04 -1.79
C LEU B 69 -15.40 21.05 -2.25
N ILE B 70 -16.64 20.85 -1.80
CA ILE B 70 -17.76 21.73 -2.15
C ILE B 70 -18.31 22.29 -0.85
N SER B 71 -18.19 23.60 -0.68
CA SER B 71 -18.65 24.27 0.54
C SER B 71 -20.15 24.08 0.73
N GLN B 72 -20.59 24.29 1.96
CA GLN B 72 -21.97 23.97 2.30
C GLN B 72 -22.93 25.02 1.77
N THR B 73 -24.22 24.68 1.86
CA THR B 73 -25.33 25.56 1.54
C THR B 73 -25.19 26.17 0.14
N ARG B 87 -17.38 21.12 17.73
CA ARG B 87 -18.10 21.23 16.46
C ARG B 87 -17.53 20.29 15.42
N ASN B 88 -18.42 19.63 14.68
CA ASN B 88 -18.06 18.78 13.56
C ASN B 88 -18.45 19.49 12.26
N HIS B 89 -17.44 19.79 11.43
CA HIS B 89 -17.67 20.59 10.22
C HIS B 89 -17.88 19.66 9.04
N PRO B 90 -18.98 19.79 8.31
CA PRO B 90 -19.21 18.91 7.14
C PRO B 90 -18.30 19.28 5.98
N LEU B 91 -17.85 18.26 5.26
CA LEU B 91 -16.97 18.43 4.11
C LEU B 91 -17.49 17.52 3.00
N HIS B 92 -18.23 18.11 2.06
CA HIS B 92 -18.73 17.39 0.90
C HIS B 92 -17.62 17.24 -0.13
N VAL B 93 -17.33 16.01 -0.54
CA VAL B 93 -16.30 15.73 -1.54
C VAL B 93 -16.98 15.20 -2.79
N GLN B 94 -16.90 15.96 -3.88
CA GLN B 94 -17.35 15.49 -5.19
C GLN B 94 -16.24 14.65 -5.82
N LEU B 95 -16.51 13.38 -6.05
CA LEU B 95 -15.45 12.40 -6.27
C LEU B 95 -14.98 12.36 -7.72
N LYS B 96 -13.71 12.03 -7.88
CA LYS B 96 -13.17 11.48 -9.12
C LYS B 96 -12.57 10.12 -8.79
N ASN B 97 -12.08 9.42 -9.82
CA ASN B 97 -11.44 8.15 -9.55
C ASN B 97 -10.10 8.37 -8.85
N LEU B 98 -9.66 7.33 -8.15
CA LEU B 98 -8.41 7.42 -7.39
C LEU B 98 -7.22 7.63 -8.31
N ASP B 99 -7.30 7.18 -9.56
CA ASP B 99 -6.23 7.38 -10.52
C ASP B 99 -6.30 8.73 -11.22
N GLY B 100 -7.21 9.61 -10.79
CA GLY B 100 -7.34 10.93 -11.35
C GLY B 100 -8.34 11.08 -12.47
N THR B 101 -8.79 9.99 -13.08
CA THR B 101 -9.75 10.10 -14.16
C THR B 101 -11.13 10.48 -13.61
N PRO B 102 -11.97 11.12 -14.42
CA PRO B 102 -13.32 11.47 -13.96
C PRO B 102 -14.11 10.23 -13.58
N TYR B 103 -14.94 10.37 -12.56
CA TYR B 103 -15.80 9.28 -12.10
C TYR B 103 -17.09 9.29 -12.91
N ASP B 104 -17.44 8.13 -13.46
CA ASP B 104 -18.65 7.99 -14.26
C ASP B 104 -19.67 7.15 -13.48
N PRO B 105 -20.77 7.75 -13.01
CA PRO B 105 -21.77 6.95 -12.28
C PRO B 105 -22.42 5.86 -13.12
N THR B 106 -22.32 5.93 -14.45
CA THR B 106 -22.92 4.91 -15.29
C THR B 106 -22.04 3.68 -15.46
N ASP B 107 -20.82 3.70 -14.92
CA ASP B 107 -19.98 2.49 -14.93
C ASP B 107 -20.71 1.38 -14.18
N GLU B 108 -20.52 0.14 -14.66
CA GLU B 108 -21.18 -1.01 -14.05
C GLU B 108 -20.35 -1.47 -12.84
N VAL B 109 -20.34 -0.61 -11.83
CA VAL B 109 -19.65 -0.87 -10.57
C VAL B 109 -20.54 -0.42 -9.42
N PRO B 110 -20.35 -1.02 -8.25
CA PRO B 110 -21.21 -0.63 -7.10
C PRO B 110 -20.95 0.79 -6.63
N ALA B 111 -19.76 1.31 -6.84
CA ALA B 111 -19.36 2.65 -6.41
C ALA B 111 -17.98 2.92 -7.00
N VAL B 112 -17.48 4.14 -6.77
CA VAL B 112 -16.11 4.48 -7.15
C VAL B 112 -15.17 3.39 -6.68
N LEU B 113 -14.28 2.95 -7.58
CA LEU B 113 -13.31 1.92 -7.21
C LEU B 113 -12.52 2.37 -5.99
N GLY B 114 -12.38 1.46 -5.03
CA GLY B 114 -11.67 1.76 -3.80
C GLY B 114 -12.55 2.21 -2.65
N ALA B 115 -13.82 2.47 -2.87
CA ALA B 115 -14.69 3.00 -1.82
C ALA B 115 -14.77 2.03 -0.64
N ILE B 116 -14.98 2.59 0.55
CA ILE B 116 -15.17 1.77 1.74
C ILE B 116 -16.37 0.86 1.54
N ASP B 117 -16.19 -0.44 1.83
CA ASP B 117 -17.21 -1.44 1.51
C ASP B 117 -17.86 -2.01 2.76
N PHE B 118 -17.91 -1.25 3.85
CA PHE B 118 -18.58 -1.72 5.04
C PHE B 118 -19.16 -0.55 5.82
N LYS B 119 -20.06 -0.87 6.75
CA LYS B 119 -20.66 0.13 7.62
C LYS B 119 -19.76 0.42 8.80
N GLY B 120 -19.46 1.70 9.01
CA GLY B 120 -18.63 2.11 10.13
C GLY B 120 -18.10 3.50 9.93
N THR B 121 -17.50 4.03 10.99
CA THR B 121 -16.85 5.33 10.96
C THR B 121 -15.36 5.11 10.78
N VAL B 122 -14.83 5.55 9.65
CA VAL B 122 -13.42 5.42 9.32
C VAL B 122 -12.76 6.78 9.50
N PHE B 123 -11.75 6.85 10.35
CA PHE B 123 -11.02 8.08 10.54
C PHE B 123 -9.72 8.07 9.73
N GLY B 124 -9.30 9.26 9.32
CA GLY B 124 -8.10 9.38 8.52
C GLY B 124 -7.69 10.84 8.40
N VAL B 125 -7.00 11.19 7.32
CA VAL B 125 -6.54 12.56 7.12
C VAL B 125 -7.02 13.01 5.75
N ALA B 126 -7.63 14.19 5.71
CA ALA B 126 -7.99 14.84 4.46
C ALA B 126 -6.95 15.92 4.16
N SER B 127 -6.53 15.99 2.90
CA SER B 127 -5.47 16.90 2.50
C SER B 127 -5.84 17.63 1.22
N GLN B 128 -5.25 18.82 1.03
CA GLN B 128 -5.48 19.61 -0.15
C GLN B 128 -4.18 20.23 -0.63
N ARG B 129 -4.07 20.37 -1.94
CA ARG B 129 -3.05 21.21 -2.58
C ARG B 129 -3.76 22.06 -3.63
N ASN B 130 -3.76 23.37 -3.44
CA ASN B 130 -4.64 24.23 -4.23
C ASN B 130 -4.18 24.28 -5.68
N THR B 131 -5.16 24.24 -6.59
CA THR B 131 -4.90 24.36 -8.02
C THR B 131 -5.55 25.58 -8.64
N THR B 132 -6.46 26.26 -7.95
CA THR B 132 -7.07 27.49 -8.42
C THR B 132 -7.10 28.51 -7.28
N GLY B 133 -7.43 29.75 -7.62
CA GLY B 133 -7.56 30.79 -6.63
C GLY B 133 -6.29 31.61 -6.45
N ASN B 134 -6.25 32.33 -5.33
CA ASN B 134 -5.16 33.25 -5.04
C ASN B 134 -3.97 32.60 -4.35
N SER B 135 -4.05 31.31 -4.02
CA SER B 135 -3.03 30.61 -3.25
C SER B 135 -2.69 29.28 -3.89
N ILE B 136 -2.51 29.27 -5.21
CA ILE B 136 -2.22 28.03 -5.91
C ILE B 136 -0.93 27.42 -5.37
N GLY B 137 -1.00 26.14 -5.01
CA GLY B 137 0.13 25.45 -4.41
C GLY B 137 0.09 25.37 -2.90
N ALA B 138 -0.70 26.20 -2.24
CA ALA B 138 -0.80 26.14 -0.79
C ALA B 138 -1.49 24.85 -0.35
N THR B 139 -1.04 24.31 0.78
CA THR B 139 -1.49 23.00 1.24
C THR B 139 -2.01 23.08 2.67
N ARG B 140 -2.81 22.08 3.04
CA ARG B 140 -3.27 21.89 4.41
C ARG B 140 -3.77 20.46 4.56
N ALA B 141 -3.78 19.98 5.80
CA ALA B 141 -4.22 18.61 6.07
C ALA B 141 -4.64 18.49 7.53
N HIS B 142 -5.73 17.76 7.77
CA HIS B 142 -6.29 17.61 9.11
C HIS B 142 -7.01 16.27 9.22
N GLU B 143 -7.10 15.77 10.44
CA GLU B 143 -7.88 14.56 10.71
C GLU B 143 -9.34 14.78 10.36
N VAL B 144 -9.93 13.76 9.72
CA VAL B 144 -11.36 13.73 9.40
C VAL B 144 -11.87 12.32 9.66
N HIS B 145 -13.19 12.16 9.58
CA HIS B 145 -13.78 10.84 9.62
C HIS B 145 -14.92 10.77 8.61
N ILE B 146 -15.21 9.55 8.16
CA ILE B 146 -16.28 9.30 7.21
C ILE B 146 -17.16 8.20 7.81
N ASP B 147 -18.41 8.53 8.08
CA ASP B 147 -19.40 7.55 8.53
C ASP B 147 -20.10 7.01 7.28
N THR B 148 -19.84 5.74 6.96
CA THR B 148 -20.44 5.17 5.76
C THR B 148 -21.92 4.83 5.92
N THR B 149 -22.49 4.99 7.11
CA THR B 149 -23.93 4.88 7.30
C THR B 149 -24.64 6.22 7.16
N ASN B 150 -23.88 7.30 6.98
CA ASN B 150 -24.48 8.60 6.75
C ASN B 150 -25.29 8.58 5.46
N PRO B 151 -26.49 9.18 5.45
CA PRO B 151 -27.28 9.19 4.20
C PRO B 151 -26.58 9.91 3.06
N ARG B 152 -25.53 10.70 3.33
CA ARG B 152 -24.76 11.35 2.29
C ARG B 152 -23.45 10.62 1.98
N TYR B 153 -23.30 9.38 2.46
CA TYR B 153 -22.28 8.49 1.93
C TYR B 153 -22.87 7.89 0.65
N THR B 154 -22.61 8.55 -0.47
CA THR B 154 -23.17 8.14 -1.76
C THR B 154 -22.07 8.04 -2.81
N PRO B 155 -21.09 7.16 -2.61
CA PRO B 155 -19.98 7.08 -3.58
C PRO B 155 -20.40 6.56 -4.95
N LYS B 156 -21.53 5.86 -5.06
CA LYS B 156 -22.03 5.51 -6.38
C LYS B 156 -22.53 6.73 -7.12
N LEU B 157 -23.21 7.63 -6.42
CA LEU B 157 -23.66 8.88 -7.03
C LEU B 157 -22.51 9.84 -7.30
N GLY B 158 -21.39 9.67 -6.62
CA GLY B 158 -20.21 10.47 -6.85
C GLY B 158 -19.83 11.46 -5.74
N SER B 159 -20.25 11.23 -4.51
CA SER B 159 -19.89 12.14 -3.43
C SER B 159 -19.93 11.43 -2.10
N VAL B 160 -19.07 11.86 -1.18
CA VAL B 160 -19.10 11.41 0.20
C VAL B 160 -19.05 12.64 1.10
N LEU B 161 -19.58 12.48 2.32
CA LEU B 161 -19.58 13.54 3.32
C LEU B 161 -18.61 13.17 4.43
N MET B 162 -17.55 13.95 4.58
CA MET B 162 -16.62 13.83 5.70
C MET B 162 -16.97 14.84 6.78
N TYR B 163 -16.43 14.60 7.98
CA TYR B 163 -16.56 15.53 9.10
C TYR B 163 -15.21 15.73 9.74
N SER B 164 -14.98 16.94 10.25
N SER B 164 -14.98 16.94 10.25
CA SER B 164 -13.71 17.28 10.85
CA SER B 164 -13.71 17.28 10.85
C SER B 164 -13.92 18.34 11.92
C SER B 164 -13.92 18.34 11.92
N GLU B 165 -13.11 18.28 12.98
CA GLU B 165 -13.11 19.35 13.97
C GLU B 165 -12.43 20.61 13.43
N SER B 166 -11.70 20.48 12.33
CA SER B 166 -11.07 21.61 11.67
C SER B 166 -11.95 22.13 10.55
N ASN B 167 -12.10 23.45 10.48
CA ASN B 167 -12.73 24.11 9.34
C ASN B 167 -11.71 24.63 8.35
N ASP B 168 -10.43 24.32 8.55
CA ASP B 168 -9.35 24.87 7.73
C ASP B 168 -9.21 24.01 6.46
N PHE B 169 -10.20 24.16 5.59
CA PHE B 169 -10.20 23.54 4.27
C PHE B 169 -10.70 24.56 3.27
N ASP B 170 -10.12 24.54 2.07
CA ASP B 170 -10.38 25.54 1.05
C ASP B 170 -11.46 25.07 0.09
N ASP B 171 -12.45 25.93 -0.15
CA ASP B 171 -13.56 25.60 -1.03
C ASP B 171 -13.07 25.41 -2.47
N GLY B 172 -13.58 24.36 -3.12
CA GLY B 172 -13.34 24.13 -4.53
C GLY B 172 -11.97 23.56 -4.89
N GLN B 173 -11.21 23.09 -3.90
CA GLN B 173 -9.84 22.64 -4.14
C GLN B 173 -9.76 21.12 -4.14
N PRO B 174 -8.77 20.56 -4.85
CA PRO B 174 -8.58 19.10 -4.83
C PRO B 174 -8.35 18.61 -3.39
N THR B 175 -9.05 17.53 -3.04
CA THR B 175 -9.08 17.01 -1.68
C THR B 175 -8.92 15.49 -1.72
N ARG B 176 -7.96 14.97 -0.98
CA ARG B 176 -7.74 13.53 -0.86
C ARG B 176 -8.04 13.06 0.56
N PHE B 177 -8.70 11.92 0.69
CA PHE B 177 -8.90 11.27 1.98
C PHE B 177 -8.02 10.03 2.05
N THR B 178 -7.19 9.94 3.08
CA THR B 178 -6.36 8.77 3.32
C THR B 178 -6.83 8.10 4.60
N PRO B 179 -7.26 6.84 4.58
CA PRO B 179 -7.79 6.23 5.80
C PRO B 179 -6.68 5.76 6.71
N ILE B 180 -6.98 5.77 8.01
CA ILE B 180 -6.04 5.32 9.04
C ILE B 180 -6.62 4.18 9.87
N GLY B 181 -7.87 4.32 10.32
CA GLY B 181 -8.45 3.30 11.18
C GLY B 181 -9.85 3.59 11.65
N MET B 182 -10.20 3.09 12.84
CA MET B 182 -11.54 3.22 13.38
C MET B 182 -11.75 4.64 13.92
N GLY B 183 -12.77 5.33 13.42
CA GLY B 183 -13.19 6.59 13.99
C GLY B 183 -14.16 6.46 15.14
N ALA B 184 -14.75 5.28 15.29
CA ALA B 184 -15.61 4.96 16.43
C ALA B 184 -15.69 3.44 16.51
N ASP B 185 -16.17 2.95 17.65
CA ASP B 185 -16.36 1.52 17.85
C ASP B 185 -17.71 1.09 17.30
N ASP B 186 -17.85 1.21 15.97
CA ASP B 186 -19.13 0.96 15.31
C ASP B 186 -18.96 0.18 14.00
N TRP B 187 -17.92 -0.63 13.88
CA TRP B 187 -17.65 -1.29 12.60
C TRP B 187 -18.48 -2.55 12.45
N HIS B 188 -19.01 -2.75 11.24
CA HIS B 188 -19.65 -4.02 10.84
C HIS B 188 -19.07 -4.35 9.47
N GLN B 189 -17.97 -5.09 9.47
CA GLN B 189 -17.17 -5.22 8.26
C GLN B 189 -17.87 -6.02 7.16
N TRP B 190 -18.92 -6.77 7.48
CA TRP B 190 -19.65 -7.55 6.49
C TRP B 190 -20.98 -6.95 6.11
N GLU B 191 -21.33 -5.79 6.64
CA GLU B 191 -22.55 -5.09 6.29
C GLU B 191 -22.24 -4.03 5.24
N LEU B 192 -22.74 -4.23 4.03
CA LEU B 192 -22.45 -3.29 2.95
C LEU B 192 -23.13 -1.96 3.21
N PRO B 193 -22.49 -0.85 2.86
CA PRO B 193 -23.17 0.45 2.91
C PRO B 193 -24.14 0.59 1.75
N GLU B 194 -25.02 1.57 1.87
CA GLU B 194 -25.93 1.93 0.79
C GLU B 194 -25.18 2.90 -0.12
N TYR B 195 -24.61 2.36 -1.20
CA TYR B 195 -23.67 3.14 -2.01
C TYR B 195 -24.34 4.33 -2.68
N SER B 196 -25.66 4.25 -2.91
CA SER B 196 -26.41 5.34 -3.50
C SER B 196 -27.35 6.05 -2.52
N GLY B 197 -27.19 5.85 -1.21
CA GLY B 197 -28.06 6.49 -0.25
C GLY B 197 -29.29 5.68 0.11
N HIS B 198 -30.14 6.27 0.98
CA HIS B 198 -31.25 5.56 1.60
C HIS B 198 -32.33 5.14 0.60
N LEU B 199 -32.36 5.77 -0.56
CA LEU B 199 -33.44 5.58 -1.53
C LEU B 199 -33.22 4.33 -2.39
N THR B 200 -32.00 4.11 -2.90
CA THR B 200 -31.76 3.26 -4.05
C THR B 200 -30.86 2.09 -3.67
N LEU B 201 -31.13 0.92 -4.24
CA LEU B 201 -30.44 -0.31 -3.89
C LEU B 201 -29.04 -0.35 -4.50
N ASN B 202 -28.18 -1.21 -3.94
CA ASN B 202 -26.86 -1.45 -4.50
C ASN B 202 -26.96 -2.28 -5.77
N MET B 203 -26.07 -2.00 -6.73
CA MET B 203 -26.06 -2.71 -8.00
C MET B 203 -24.63 -3.12 -8.34
N ASN B 204 -24.51 -4.07 -9.28
CA ASN B 204 -23.24 -4.51 -9.83
C ASN B 204 -22.30 -5.08 -8.78
N LEU B 205 -22.87 -5.69 -7.75
CA LEU B 205 -22.08 -6.18 -6.63
C LEU B 205 -21.32 -7.44 -6.99
N ALA B 206 -20.10 -7.55 -6.48
CA ALA B 206 -19.43 -8.85 -6.45
C ALA B 206 -20.28 -9.81 -5.61
N PRO B 207 -20.43 -11.07 -6.04
CA PRO B 207 -21.40 -11.95 -5.39
C PRO B 207 -21.02 -12.29 -3.95
N ALA B 208 -22.03 -12.63 -3.16
CA ALA B 208 -21.77 -13.16 -1.83
C ALA B 208 -21.12 -14.53 -1.94
N VAL B 209 -20.27 -14.85 -0.96
CA VAL B 209 -19.59 -16.13 -0.94
C VAL B 209 -19.83 -16.81 0.40
N ALA B 210 -19.80 -18.14 0.40
CA ALA B 210 -20.00 -18.93 1.60
C ALA B 210 -19.45 -20.33 1.34
N PRO B 211 -19.15 -21.08 2.40
CA PRO B 211 -18.83 -22.51 2.21
C PRO B 211 -20.02 -23.23 1.61
N ALA B 212 -19.74 -24.16 0.71
CA ALA B 212 -20.79 -24.92 0.04
C ALA B 212 -21.17 -26.18 0.79
N PHE B 213 -20.45 -26.53 1.85
CA PHE B 213 -20.70 -27.73 2.61
C PHE B 213 -20.61 -27.45 4.10
N PRO B 214 -21.42 -28.09 4.93
CA PRO B 214 -21.19 -28.04 6.37
C PRO B 214 -19.84 -28.65 6.70
N GLY B 215 -19.22 -28.14 7.75
CA GLY B 215 -17.88 -28.55 8.09
C GLY B 215 -16.78 -27.74 7.43
N GLU B 216 -17.13 -26.85 6.50
CA GLU B 216 -16.14 -25.97 5.88
C GLU B 216 -16.34 -24.54 6.37
N ARG B 217 -15.24 -23.79 6.39
CA ARG B 217 -15.23 -22.40 6.81
C ARG B 217 -14.41 -21.59 5.82
N ILE B 218 -14.81 -20.34 5.60
CA ILE B 218 -13.98 -19.43 4.82
C ILE B 218 -12.71 -19.11 5.61
N LEU B 219 -11.57 -19.15 4.92
CA LEU B 219 -10.29 -18.78 5.51
C LEU B 219 -9.99 -17.34 5.11
N PHE B 220 -9.82 -16.48 6.11
CA PHE B 220 -9.61 -15.05 5.90
C PHE B 220 -8.16 -14.67 6.18
N PHE B 221 -7.70 -13.64 5.48
CA PHE B 221 -6.45 -12.97 5.80
C PHE B 221 -6.80 -11.75 6.65
N ARG B 222 -6.40 -11.77 7.92
CA ARG B 222 -6.86 -10.80 8.92
C ARG B 222 -5.79 -9.76 9.19
N SER B 223 -6.19 -8.49 9.20
CA SER B 223 -5.39 -7.38 9.69
C SER B 223 -6.05 -6.75 10.91
N VAL B 224 -5.23 -6.18 11.78
CA VAL B 224 -5.70 -5.44 12.94
C VAL B 224 -5.23 -3.99 12.77
N VAL B 225 -6.19 -3.08 12.66
CA VAL B 225 -5.89 -1.70 12.25
C VAL B 225 -6.05 -0.74 13.43
N PRO B 226 -5.50 0.47 13.34
CA PRO B 226 -5.57 1.40 14.47
C PRO B 226 -7.00 1.88 14.75
N SER B 227 -7.15 2.47 15.94
CA SER B 227 -8.42 3.08 16.34
C SER B 227 -8.15 4.37 17.10
N ALA B 228 -8.93 5.40 16.78
CA ALA B 228 -8.82 6.70 17.44
C ALA B 228 -9.78 6.81 18.63
N GLY B 229 -9.63 5.90 19.57
CA GLY B 229 -10.46 5.94 20.77
C GLY B 229 -11.32 4.71 20.95
N GLY B 230 -11.69 4.42 22.20
CA GLY B 230 -12.53 3.28 22.48
C GLY B 230 -11.74 1.98 22.49
N TYR B 231 -12.50 0.89 22.44
CA TYR B 231 -11.94 -0.46 22.57
C TYR B 231 -12.14 -1.31 21.32
N GLY B 232 -12.49 -0.71 20.18
CA GLY B 232 -12.65 -1.45 18.95
C GLY B 232 -11.46 -2.31 18.61
N SER B 233 -11.71 -3.55 18.19
CA SER B 233 -10.64 -4.51 17.93
C SER B 233 -9.89 -4.23 16.63
N GLY B 234 -10.52 -3.54 15.68
CA GLY B 234 -9.87 -3.17 14.46
C GLY B 234 -9.70 -4.27 13.43
N HIS B 235 -10.56 -5.29 13.46
CA HIS B 235 -10.42 -6.40 12.52
C HIS B 235 -10.93 -6.01 11.15
N ILE B 236 -10.12 -6.28 10.12
CA ILE B 236 -10.57 -6.25 8.73
C ILE B 236 -10.10 -7.55 8.08
N ASP B 237 -11.04 -8.35 7.60
CA ASP B 237 -10.73 -9.63 6.96
C ASP B 237 -10.94 -9.51 5.46
N CYS B 238 -9.99 -10.03 4.68
CA CYS B 238 -10.09 -10.05 3.23
C CYS B 238 -10.04 -11.49 2.72
N LEU B 239 -10.64 -11.71 1.55
CA LEU B 239 -10.72 -13.07 0.98
C LEU B 239 -9.38 -13.50 0.40
N ILE B 240 -8.69 -12.59 -0.28
CA ILE B 240 -7.33 -12.81 -0.76
C ILE B 240 -6.53 -11.54 -0.60
N PRO B 241 -5.22 -11.67 -0.40
CA PRO B 241 -4.39 -10.48 -0.24
C PRO B 241 -4.33 -9.66 -1.52
N GLN B 242 -3.97 -8.38 -1.35
CA GLN B 242 -3.89 -7.48 -2.51
C GLN B 242 -2.85 -7.97 -3.51
N GLU B 243 -1.77 -8.58 -3.04
CA GLU B 243 -0.77 -9.12 -3.96
C GLU B 243 -1.34 -10.25 -4.81
N TRP B 244 -2.26 -11.04 -4.25
CA TRP B 244 -2.93 -12.06 -5.06
C TRP B 244 -3.83 -11.43 -6.11
N VAL B 245 -4.55 -10.36 -5.73
CA VAL B 245 -5.36 -9.61 -6.69
C VAL B 245 -4.49 -9.14 -7.85
N GLN B 246 -3.37 -8.50 -7.54
CA GLN B 246 -2.46 -8.04 -8.59
C GLN B 246 -1.92 -9.19 -9.41
N HIS B 247 -1.62 -10.32 -8.76
CA HIS B 247 -1.05 -11.46 -9.47
C HIS B 247 -2.04 -12.06 -10.46
N PHE B 248 -3.25 -12.39 -9.97
CA PHE B 248 -4.26 -12.99 -10.85
C PHE B 248 -4.61 -12.06 -12.01
N TYR B 249 -4.74 -10.76 -11.72
CA TYR B 249 -5.07 -9.79 -12.76
C TYR B 249 -4.06 -9.82 -13.90
N GLN B 250 -2.77 -9.91 -13.57
CA GLN B 250 -1.72 -9.86 -14.59
C GLN B 250 -1.53 -11.21 -15.28
N GLU B 251 -1.59 -12.30 -14.52
CA GLU B 251 -1.36 -13.63 -15.11
C GLU B 251 -2.52 -14.05 -15.99
N ALA B 252 -3.75 -13.86 -15.52
CA ALA B 252 -4.96 -14.28 -16.25
C ALA B 252 -4.85 -15.73 -16.71
N ALA B 253 -4.38 -16.59 -15.80
CA ALA B 253 -4.27 -18.00 -16.14
C ALA B 253 -5.64 -18.64 -16.19
N PRO B 254 -5.91 -19.48 -17.19
CA PRO B 254 -7.23 -20.11 -17.27
C PRO B 254 -7.51 -20.97 -16.05
N SER B 255 -8.72 -20.84 -15.52
CA SER B 255 -9.18 -21.73 -14.46
C SER B 255 -9.66 -23.03 -15.09
N GLN B 256 -9.08 -24.16 -14.66
CA GLN B 256 -9.39 -25.46 -15.24
C GLN B 256 -10.52 -26.16 -14.51
N SER B 257 -11.02 -25.59 -13.43
CA SER B 257 -12.17 -26.12 -12.70
C SER B 257 -12.72 -25.03 -11.81
N ALA B 258 -13.74 -25.37 -11.03
CA ALA B 258 -14.31 -24.42 -10.08
C ALA B 258 -13.50 -24.30 -8.81
N VAL B 259 -12.58 -25.24 -8.55
CA VAL B 259 -11.89 -25.33 -7.28
C VAL B 259 -10.44 -25.71 -7.54
N ALA B 260 -9.52 -24.89 -7.06
CA ALA B 260 -8.09 -25.20 -7.08
C ALA B 260 -7.68 -25.68 -5.69
N LEU B 261 -7.13 -26.89 -5.63
CA LEU B 261 -6.60 -27.41 -4.37
C LEU B 261 -5.26 -26.75 -4.10
N ILE B 262 -5.13 -26.13 -2.92
CA ILE B 262 -3.89 -25.47 -2.53
C ILE B 262 -3.46 -26.00 -1.16
N ARG B 263 -2.16 -25.87 -0.88
CA ARG B 263 -1.57 -26.33 0.37
C ARG B 263 -0.70 -25.22 0.93
N TYR B 264 -0.80 -24.98 2.24
CA TYR B 264 0.16 -24.14 2.93
C TYR B 264 1.40 -24.99 3.17
N VAL B 265 2.52 -24.59 2.58
CA VAL B 265 3.71 -25.43 2.55
C VAL B 265 4.88 -24.69 3.17
N ASN B 266 5.77 -25.46 3.80
CA ASN B 266 7.07 -24.96 4.21
C ASN B 266 8.01 -25.12 3.04
N PRO B 267 8.42 -24.04 2.37
CA PRO B 267 9.27 -24.19 1.17
C PRO B 267 10.66 -24.70 1.49
N ASP B 268 11.14 -24.55 2.72
CA ASP B 268 12.48 -25.03 3.07
C ASP B 268 12.52 -26.55 3.16
N THR B 269 11.46 -27.15 3.70
CA THR B 269 11.42 -28.58 3.95
C THR B 269 10.44 -29.34 3.08
N GLY B 270 9.57 -28.64 2.35
CA GLY B 270 8.53 -29.28 1.58
C GLY B 270 7.35 -29.80 2.37
N ARG B 271 7.32 -29.56 3.67
CA ARG B 271 6.25 -30.10 4.51
C ARG B 271 4.93 -29.39 4.22
N ASN B 272 3.86 -30.16 4.08
CA ASN B 272 2.52 -29.61 3.90
C ASN B 272 1.88 -29.40 5.26
N ILE B 273 1.44 -28.18 5.54
CA ILE B 273 0.84 -27.85 6.83
C ILE B 273 -0.65 -28.14 6.84
N PHE B 274 -1.37 -27.64 5.84
CA PHE B 274 -2.79 -27.95 5.69
C PHE B 274 -3.18 -27.68 4.25
N GLU B 275 -4.33 -28.23 3.85
CA GLU B 275 -4.86 -28.07 2.52
C GLU B 275 -6.13 -27.21 2.56
N ALA B 276 -6.46 -26.63 1.41
CA ALA B 276 -7.59 -25.71 1.33
C ALA B 276 -8.13 -25.69 -0.09
N LYS B 277 -9.38 -25.26 -0.21
CA LYS B 277 -10.03 -25.06 -1.50
C LYS B 277 -9.93 -23.59 -1.88
N LEU B 278 -9.28 -23.31 -3.00
CA LEU B 278 -9.24 -21.98 -3.57
C LEU B 278 -10.28 -21.92 -4.67
N HIS B 279 -11.41 -21.26 -4.40
CA HIS B 279 -12.51 -21.25 -5.34
C HIS B 279 -12.25 -20.30 -6.49
N ARG B 280 -12.75 -20.67 -7.67
CA ARG B 280 -12.59 -19.87 -8.87
C ARG B 280 -13.04 -18.43 -8.66
N GLU B 281 -14.06 -18.23 -7.82
CA GLU B 281 -14.55 -16.88 -7.52
C GLU B 281 -13.52 -16.03 -6.80
N GLY B 282 -12.52 -16.64 -6.17
CA GLY B 282 -11.51 -15.85 -5.48
C GLY B 282 -11.57 -15.83 -3.96
N PHE B 283 -11.91 -16.97 -3.35
CA PHE B 283 -11.88 -17.07 -1.90
C PHE B 283 -11.53 -18.50 -1.51
N ILE B 284 -11.17 -18.67 -0.23
CA ILE B 284 -10.62 -19.92 0.28
C ILE B 284 -11.56 -20.49 1.33
N THR B 285 -11.77 -21.81 1.27
CA THR B 285 -12.42 -22.53 2.35
C THR B 285 -11.50 -23.62 2.88
N VAL B 286 -11.63 -23.91 4.17
CA VAL B 286 -10.89 -24.95 4.84
C VAL B 286 -11.87 -25.81 5.61
N ALA B 287 -11.46 -27.04 5.92
CA ALA B 287 -12.28 -27.90 6.75
C ALA B 287 -12.20 -27.44 8.20
N ASN B 288 -13.36 -27.22 8.80
CA ASN B 288 -13.45 -26.84 10.21
C ASN B 288 -12.74 -27.87 11.09
N SER B 289 -11.78 -27.40 11.89
CA SER B 289 -11.20 -28.23 12.95
C SER B 289 -11.48 -27.66 14.33
N GLY B 290 -12.06 -26.48 14.40
CA GLY B 290 -12.90 -25.96 15.48
C GLY B 290 -12.29 -25.80 16.86
N ASN B 291 -11.18 -25.09 16.93
CA ASN B 291 -10.69 -24.46 18.16
C ASN B 291 -9.74 -23.33 17.76
N ASN B 292 -9.00 -22.85 18.75
CA ASN B 292 -8.04 -21.76 18.96
C ASN B 292 -6.94 -21.64 17.89
N PRO B 293 -6.39 -20.40 17.66
CA PRO B 293 -5.94 -19.93 16.35
C PRO B 293 -4.93 -20.75 15.55
N ILE B 294 -4.83 -20.36 14.28
CA ILE B 294 -4.08 -21.07 13.26
C ILE B 294 -2.60 -20.79 13.42
N VAL B 295 -1.79 -21.85 13.45
CA VAL B 295 -0.35 -21.76 13.62
C VAL B 295 0.31 -22.26 12.34
N VAL B 296 1.02 -21.37 11.66
CA VAL B 296 1.72 -21.71 10.42
C VAL B 296 3.16 -21.25 10.52
N PRO B 297 4.09 -21.88 9.82
CA PRO B 297 5.49 -21.42 9.86
C PRO B 297 5.62 -20.06 9.20
N PRO B 298 6.41 -19.15 9.78
CA PRO B 298 6.52 -17.80 9.20
C PRO B 298 7.15 -17.76 7.83
N ASN B 299 7.88 -18.80 7.42
CA ASN B 299 8.47 -18.86 6.09
C ASN B 299 7.55 -19.56 5.09
N GLY B 300 6.36 -19.99 5.51
CA GLY B 300 5.48 -20.74 4.64
C GLY B 300 4.57 -19.86 3.80
N TYR B 301 3.95 -20.47 2.79
CA TYR B 301 2.99 -19.80 1.95
C TYR B 301 2.16 -20.83 1.20
N PHE B 302 1.04 -20.37 0.64
CA PHE B 302 0.17 -21.23 -0.14
C PHE B 302 0.80 -21.58 -1.49
N ARG B 303 0.62 -22.82 -1.92
CA ARG B 303 1.11 -23.29 -3.20
C ARG B 303 0.01 -24.06 -3.91
N PHE B 304 -0.19 -23.76 -5.19
CA PHE B 304 -1.19 -24.48 -5.97
C PHE B 304 -0.78 -25.93 -6.15
N GLU B 305 -1.73 -26.84 -6.02
CA GLU B 305 -1.43 -28.26 -6.18
C GLU B 305 -2.12 -28.89 -7.38
N ALA B 306 -3.44 -28.73 -7.50
CA ALA B 306 -4.19 -29.38 -8.57
C ALA B 306 -5.56 -28.73 -8.68
N TRP B 307 -6.16 -28.88 -9.86
CA TRP B 307 -7.54 -28.50 -10.08
C TRP B 307 -8.45 -29.66 -9.71
N VAL B 308 -9.40 -29.40 -8.81
CA VAL B 308 -10.32 -30.38 -8.26
C VAL B 308 -11.74 -29.83 -8.42
N ASN B 309 -12.72 -30.57 -7.92
CA ASN B 309 -14.10 -30.10 -8.00
C ASN B 309 -14.69 -29.97 -6.61
N GLN B 310 -15.98 -29.61 -6.56
CA GLN B 310 -16.63 -29.32 -5.29
C GLN B 310 -16.70 -30.54 -4.39
N PHE B 311 -16.66 -31.75 -4.94
CA PHE B 311 -16.82 -32.97 -4.15
C PHE B 311 -15.53 -33.38 -3.45
N TYR B 312 -14.44 -32.65 -3.64
CA TYR B 312 -13.23 -32.87 -2.86
C TYR B 312 -13.53 -32.63 -1.39
N THR B 313 -13.09 -33.54 -0.53
CA THR B 313 -13.32 -33.45 0.91
C THR B 313 -12.03 -33.02 1.59
N LEU B 314 -12.08 -31.90 2.28
CA LEU B 314 -10.89 -31.33 2.90
C LEU B 314 -10.60 -31.98 4.24
N THR B 315 -9.33 -32.24 4.50
CA THR B 315 -8.91 -32.74 5.79
C THR B 315 -8.89 -31.60 6.81
N PRO B 316 -9.46 -31.80 8.01
CA PRO B 316 -9.44 -30.73 9.03
C PRO B 316 -8.05 -30.16 9.24
N MET B 317 -7.91 -28.85 9.10
CA MET B 317 -6.59 -28.22 9.09
C MET B 317 -5.95 -28.21 10.49
#